data_1PNR
#
_entry.id   1PNR
#
_cell.length_a   175.850
_cell.length_b   94.790
_cell.length_c   81.840
_cell.angle_alpha   90.00
_cell.angle_beta   90.00
_cell.angle_gamma   90.00
#
_symmetry.space_group_name_H-M   'C 2 2 21'
#
loop_
_entity.id
_entity.type
_entity.pdbx_description
1 polymer "DNA (5'-D(*AP*AP*CP*GP*AP*AP*AP*AP*CP*GP*TP*TP*TP*TP*CP*GP*T )-3')"
2 polymer 'PROTEIN (PURINE REPRESSOR)'
3 non-polymer HYPOXANTHINE
4 water water
#
loop_
_entity_poly.entity_id
_entity_poly.type
_entity_poly.pdbx_seq_one_letter_code
_entity_poly.pdbx_strand_id
1 'polydeoxyribonucleotide' (DA)(DA)(DC)(DG)(DA)(DA)(DA)(DA)(DC)(DG)(DT)(DT)(DT)(DT)(DC)(DG)(DT) B
2 'polypeptide(L)'
;ATIKDVAKRANVSTTTVSHVINKTRFVAEETRNAVWAAIKELHYSPSAVARSLKVNHTKSIGLLATSSEAAYFAEIIEAV
EKNCFQKGYTLILGNAWNNLEKQRAYLSMMAQKRVDGLLVMCSEYPEPLLAMLEEYRHIPMVVMDWGEAKADFTDAVIDN
AFEGGYMAGRYLIERGHREIGVIPGPLERNTGAGRLAGFMKAMEEAMIKVPESWIVQGDFEPESGYRAMQQILSQPHRPT
AVFCGGDIMAMGALCAADEMGLRVPQDVSLIGYDNVRNARYFTPALTTIHQPKDSLGETAFNMLLDRIVNKREEPQSIEV
HPRLIERRSVADGPFRDYRR
;
A
#
loop_
_chem_comp.id
_chem_comp.type
_chem_comp.name
_chem_comp.formula
DA DNA linking 2'-DEOXYADENOSINE-5'-MONOPHOSPHATE 'C10 H14 N5 O6 P'
DC DNA linking 2'-DEOXYCYTIDINE-5'-MONOPHOSPHATE 'C9 H14 N3 O7 P'
DG DNA linking 2'-DEOXYGUANOSINE-5'-MONOPHOSPHATE 'C10 H14 N5 O7 P'
DT DNA linking THYMIDINE-5'-MONOPHOSPHATE 'C10 H15 N2 O8 P'
HPA non-polymer HYPOXANTHINE 'C5 H4 N4 O'
#
# COMPACT_ATOMS: atom_id res chain seq x y z
N THR B 2 -2.96 15.65 -38.01
CA THR B 2 -2.85 16.97 -37.32
C THR B 2 -1.35 17.38 -37.26
N ILE B 3 -0.43 16.44 -37.09
CA ILE B 3 0.99 16.87 -37.18
C ILE B 3 1.15 17.39 -38.63
N LYS B 4 0.48 16.72 -39.58
CA LYS B 4 0.48 17.10 -41.00
C LYS B 4 -0.08 18.51 -41.12
N ASP B 5 -1.07 18.76 -40.29
CA ASP B 5 -1.62 20.07 -40.40
C ASP B 5 -0.68 21.06 -39.93
N VAL B 6 0.03 20.71 -38.86
CA VAL B 6 0.98 21.70 -38.35
C VAL B 6 2.09 21.91 -39.37
N ALA B 7 2.59 20.80 -39.92
CA ALA B 7 3.70 20.90 -40.87
C ALA B 7 3.46 21.89 -42.00
N LYS B 8 2.24 21.90 -42.44
CA LYS B 8 1.81 22.75 -43.52
C LYS B 8 1.54 24.22 -43.26
N ARG B 9 1.07 24.54 -42.07
CA ARG B 9 0.85 25.94 -41.79
C ARG B 9 2.24 26.58 -41.74
N ALA B 10 3.19 25.73 -41.38
CA ALA B 10 4.59 26.09 -41.21
C ALA B 10 5.44 25.91 -42.46
N ASN B 11 4.98 25.08 -43.35
CA ASN B 11 5.73 24.82 -44.54
C ASN B 11 7.08 24.23 -44.33
N VAL B 12 7.01 23.07 -43.65
CA VAL B 12 8.17 22.23 -43.35
C VAL B 12 7.58 20.85 -43.31
N SER B 13 8.45 19.87 -43.16
CA SER B 13 7.97 18.52 -43.10
C SER B 13 7.59 18.16 -41.69
N THR B 14 6.66 17.22 -41.64
CA THR B 14 6.18 16.68 -40.43
C THR B 14 7.43 16.19 -39.69
N THR B 15 8.33 15.64 -40.45
CA THR B 15 9.61 15.16 -39.88
C THR B 15 10.19 16.37 -39.08
N THR B 16 10.20 17.53 -39.71
CA THR B 16 10.72 18.68 -39.03
C THR B 16 10.02 18.93 -37.73
N VAL B 17 8.71 19.08 -37.84
CA VAL B 17 7.85 19.33 -36.70
C VAL B 17 8.12 18.31 -35.61
N SER B 18 8.24 17.09 -36.02
CA SER B 18 8.46 16.16 -34.97
C SER B 18 9.80 16.36 -34.33
N HIS B 19 10.77 16.83 -35.08
CA HIS B 19 12.07 17.01 -34.49
C HIS B 19 12.04 18.14 -33.50
N VAL B 20 11.28 19.17 -33.79
CA VAL B 20 11.31 20.27 -32.84
C VAL B 20 10.49 19.99 -31.60
N ILE B 21 9.40 19.32 -31.82
CA ILE B 21 8.57 19.00 -30.71
C ILE B 21 9.38 18.05 -29.83
N ASN B 22 10.24 17.23 -30.37
CA ASN B 22 10.94 16.42 -29.41
C ASN B 22 12.41 16.70 -29.24
N LYS B 23 12.84 17.82 -29.80
CA LYS B 23 14.25 18.27 -29.68
C LYS B 23 15.12 17.13 -29.94
N THR B 24 14.86 16.45 -31.01
CA THR B 24 15.59 15.26 -31.28
C THR B 24 16.67 15.37 -32.38
N ARG B 25 16.82 16.56 -32.91
CA ARG B 25 17.85 16.83 -33.93
C ARG B 25 17.82 18.39 -34.03
N PHE B 26 18.92 19.06 -34.43
CA PHE B 26 18.93 20.53 -34.51
C PHE B 26 18.02 21.14 -35.55
N VAL B 27 17.34 22.25 -35.21
CA VAL B 27 16.51 22.91 -36.23
C VAL B 27 16.73 24.34 -36.15
N ALA B 28 16.89 24.98 -37.28
CA ALA B 28 17.09 26.40 -37.26
C ALA B 28 16.00 27.12 -36.46
N GLU B 29 16.45 28.18 -35.77
CA GLU B 29 15.59 29.01 -34.92
C GLU B 29 14.36 29.37 -35.68
N GLU B 30 14.63 29.95 -36.82
CA GLU B 30 13.56 30.38 -37.67
C GLU B 30 12.60 29.28 -37.94
N THR B 31 13.15 28.12 -38.21
CA THR B 31 12.27 27.07 -38.53
C THR B 31 11.50 26.71 -37.27
N ARG B 32 12.31 26.46 -36.25
CA ARG B 32 11.82 26.11 -34.93
C ARG B 32 10.69 27.02 -34.49
N ASN B 33 10.88 28.30 -34.66
CA ASN B 33 9.82 29.20 -34.24
C ASN B 33 8.56 28.94 -34.97
N ALA B 34 8.68 29.13 -36.28
CA ALA B 34 7.58 28.92 -37.20
C ALA B 34 6.68 27.73 -36.87
N VAL B 35 7.35 26.69 -36.38
CA VAL B 35 6.66 25.49 -36.00
C VAL B 35 5.80 25.76 -34.80
N TRP B 36 6.44 26.27 -33.77
CA TRP B 36 5.70 26.55 -32.59
C TRP B 36 4.50 27.43 -32.90
N ALA B 37 4.75 28.38 -33.78
CA ALA B 37 3.74 29.33 -34.25
C ALA B 37 2.47 28.56 -34.60
N ALA B 38 2.66 27.69 -35.56
CA ALA B 38 1.61 26.89 -36.04
C ALA B 38 1.11 26.07 -34.88
N ILE B 39 2.04 25.41 -34.18
CA ILE B 39 1.67 24.53 -33.10
C ILE B 39 0.70 25.26 -32.27
N LYS B 40 0.99 26.53 -32.10
CA LYS B 40 0.02 27.24 -31.33
C LYS B 40 -1.31 27.55 -31.92
N GLU B 41 -1.36 28.39 -32.94
CA GLU B 41 -2.68 28.69 -33.50
C GLU B 41 -3.50 27.48 -33.85
N LEU B 42 -2.83 26.53 -34.42
CA LEU B 42 -3.52 25.33 -34.77
C LEU B 42 -4.01 24.68 -33.50
N HIS B 43 -3.51 25.18 -32.37
CA HIS B 43 -3.90 24.61 -31.10
C HIS B 43 -3.61 23.12 -31.04
N TYR B 44 -2.42 22.70 -31.45
CA TYR B 44 -2.04 21.27 -31.48
C TYR B 44 -1.71 20.43 -30.22
N SER B 45 -2.30 19.25 -30.12
CA SER B 45 -1.92 18.43 -29.01
C SER B 45 -1.38 17.17 -29.68
N PRO B 46 -0.12 16.99 -29.57
CA PRO B 46 0.54 15.85 -30.14
C PRO B 46 -0.14 14.60 -29.63
N SER B 47 -0.38 13.60 -30.46
CA SER B 47 -1.02 12.37 -29.98
C SER B 47 -0.14 11.29 -29.30
N ALA B 48 -0.40 11.06 -28.03
CA ALA B 48 0.40 10.05 -27.36
C ALA B 48 -0.02 8.73 -27.90
N VAL B 49 -1.25 8.62 -28.37
CA VAL B 49 -1.51 7.29 -28.81
C VAL B 49 -0.72 6.86 -30.04
N ALA B 50 -0.63 7.81 -30.96
CA ALA B 50 0.09 7.56 -32.17
C ALA B 50 1.50 7.24 -31.71
N ARG B 51 2.05 8.21 -30.97
CA ARG B 51 3.41 8.03 -30.49
C ARG B 51 3.73 6.71 -29.86
N SER B 52 2.87 6.25 -28.98
CA SER B 52 3.19 5.01 -28.33
C SER B 52 3.19 3.89 -29.22
N LEU B 53 2.31 4.08 -30.20
CA LEU B 53 2.09 3.08 -31.23
C LEU B 53 3.41 2.76 -31.84
N LYS B 54 4.21 3.80 -32.08
CA LYS B 54 5.54 3.61 -32.67
C LYS B 54 6.68 3.28 -31.72
N VAL B 55 6.96 4.24 -30.83
CA VAL B 55 8.06 4.13 -29.86
C VAL B 55 7.92 2.96 -28.93
N ASN B 56 6.74 2.36 -28.85
CA ASN B 56 6.56 1.19 -27.98
C ASN B 56 6.53 1.23 -26.46
N HIS B 57 5.81 2.22 -25.93
CA HIS B 57 5.73 2.28 -24.49
C HIS B 57 4.74 3.39 -24.33
N THR B 58 3.93 3.28 -23.31
CA THR B 58 2.86 4.22 -23.06
C THR B 58 3.21 5.22 -22.03
N LYS B 59 4.31 4.96 -21.32
CA LYS B 59 4.68 5.90 -20.28
C LYS B 59 3.45 5.99 -19.28
N SER B 60 2.94 4.82 -18.92
CA SER B 60 1.83 4.83 -18.03
C SER B 60 1.93 3.54 -17.19
N ILE B 61 1.58 3.67 -15.90
CA ILE B 61 1.69 2.51 -15.05
C ILE B 61 0.35 2.17 -14.47
N GLY B 62 0.11 0.88 -14.31
CA GLY B 62 -1.19 0.49 -13.79
C GLY B 62 -1.10 -0.16 -12.40
N LEU B 63 -1.90 0.39 -11.48
CA LEU B 63 -2.04 -0.06 -10.07
C LEU B 63 -3.24 -1.04 -9.98
N LEU B 64 -2.90 -2.29 -9.78
CA LEU B 64 -4.02 -3.24 -9.66
C LEU B 64 -4.20 -3.46 -8.16
N ALA B 65 -4.99 -2.59 -7.57
CA ALA B 65 -5.25 -2.63 -6.14
C ALA B 65 -6.46 -3.39 -5.67
N THR B 66 -6.68 -3.31 -4.36
CA THR B 66 -7.80 -3.96 -3.67
C THR B 66 -9.01 -3.04 -3.56
N SER B 67 -8.73 -1.86 -2.97
CA SER B 67 -9.74 -0.81 -2.82
C SER B 67 -8.96 0.47 -2.59
N SER B 68 -9.60 1.61 -2.59
CA SER B 68 -8.77 2.77 -2.40
C SER B 68 -9.33 3.71 -1.29
N GLU B 69 -10.52 3.43 -0.72
CA GLU B 69 -11.05 4.32 0.35
C GLU B 69 -10.21 4.10 1.66
N ALA B 70 -9.96 2.87 2.07
CA ALA B 70 -9.18 2.59 3.27
C ALA B 70 -7.87 3.40 3.41
N ALA B 71 -7.86 4.13 4.51
CA ALA B 71 -6.78 5.01 4.89
C ALA B 71 -5.46 4.45 4.48
N TYR B 72 -5.17 3.25 4.99
CA TYR B 72 -3.93 2.56 4.73
C TYR B 72 -3.67 2.66 3.21
N PHE B 73 -4.46 1.93 2.47
CA PHE B 73 -4.34 1.95 1.04
C PHE B 73 -4.28 3.29 0.42
N ALA B 74 -5.14 4.09 0.91
CA ALA B 74 -5.17 5.37 0.31
C ALA B 74 -3.93 6.16 0.47
N GLU B 75 -3.28 5.97 1.61
CA GLU B 75 -2.12 6.75 1.73
C GLU B 75 -1.09 6.18 0.77
N ILE B 76 -0.96 4.86 0.72
CA ILE B 76 0.01 4.30 -0.21
C ILE B 76 -0.17 4.78 -1.64
N ILE B 77 -1.42 4.74 -2.07
CA ILE B 77 -1.67 5.17 -3.39
C ILE B 77 -1.26 6.61 -3.66
N GLU B 78 -1.65 7.52 -2.76
CA GLU B 78 -1.27 8.92 -3.01
C GLU B 78 0.23 9.04 -3.25
N ALA B 79 0.99 8.14 -2.61
CA ALA B 79 2.44 8.14 -2.70
C ALA B 79 2.85 7.72 -4.07
N VAL B 80 2.42 6.51 -4.46
CA VAL B 80 2.74 6.01 -5.79
C VAL B 80 2.40 7.10 -6.83
N GLU B 81 1.20 7.68 -6.74
CA GLU B 81 0.89 8.72 -7.67
C GLU B 81 1.97 9.82 -7.71
N LYS B 82 2.47 10.27 -6.57
CA LYS B 82 3.45 11.37 -6.59
C LYS B 82 4.62 11.04 -7.47
N ASN B 83 5.02 9.81 -7.33
CA ASN B 83 6.13 9.31 -8.02
C ASN B 83 5.92 9.16 -9.53
N CYS B 84 4.76 8.73 -9.94
CA CYS B 84 4.53 8.58 -11.38
C CYS B 84 4.66 9.97 -11.94
N PHE B 85 3.99 10.88 -11.26
CA PHE B 85 3.96 12.25 -11.70
C PHE B 85 5.30 12.84 -11.90
N GLN B 86 6.17 12.58 -10.97
CA GLN B 86 7.43 13.22 -11.13
C GLN B 86 8.35 12.64 -12.13
N LYS B 87 8.19 11.33 -12.35
CA LYS B 87 9.02 10.65 -13.33
C LYS B 87 8.21 10.53 -14.63
N GLY B 88 7.33 11.49 -14.88
CA GLY B 88 6.52 11.45 -16.08
C GLY B 88 5.44 10.36 -16.35
N TYR B 89 5.27 9.32 -15.54
CA TYR B 89 4.23 8.32 -15.76
C TYR B 89 2.78 8.74 -15.51
N THR B 90 1.83 8.04 -16.15
CA THR B 90 0.41 8.31 -16.02
C THR B 90 -0.14 7.16 -15.13
N LEU B 91 -0.99 7.41 -14.12
CA LEU B 91 -1.43 6.28 -13.29
C LEU B 91 -2.79 5.70 -13.61
N ILE B 92 -2.88 4.40 -13.74
CA ILE B 92 -4.19 3.88 -14.04
C ILE B 92 -4.49 3.10 -12.81
N LEU B 93 -5.51 3.54 -12.10
CA LEU B 93 -5.87 2.92 -10.85
C LEU B 93 -6.92 1.86 -10.97
N GLY B 94 -6.72 0.65 -10.49
CA GLY B 94 -7.88 -0.27 -10.66
C GLY B 94 -8.21 -1.08 -9.37
N ASN B 95 -9.44 -1.00 -8.85
CA ASN B 95 -9.73 -1.79 -7.65
C ASN B 95 -10.50 -3.05 -8.00
N ALA B 96 -9.93 -4.19 -7.62
CA ALA B 96 -10.45 -5.53 -7.87
C ALA B 96 -11.21 -6.14 -6.74
N TRP B 97 -11.18 -5.39 -5.62
CA TRP B 97 -11.91 -5.79 -4.43
C TRP B 97 -11.78 -7.23 -4.10
N ASN B 98 -10.58 -7.74 -4.24
CA ASN B 98 -10.46 -9.16 -3.97
C ASN B 98 -11.36 -10.06 -4.87
N ASN B 99 -11.73 -9.64 -6.08
CA ASN B 99 -12.57 -10.57 -6.82
C ASN B 99 -11.79 -11.16 -7.98
N LEU B 100 -11.65 -12.48 -8.05
CA LEU B 100 -10.88 -13.01 -9.17
C LEU B 100 -11.28 -12.48 -10.58
N GLU B 101 -12.58 -12.53 -10.82
CA GLU B 101 -13.12 -12.07 -12.08
C GLU B 101 -12.70 -10.66 -12.33
N LYS B 102 -12.99 -9.83 -11.35
CA LYS B 102 -12.67 -8.43 -11.39
C LYS B 102 -11.17 -8.36 -11.57
N GLN B 103 -10.51 -9.33 -10.99
CA GLN B 103 -9.10 -9.20 -11.21
C GLN B 103 -8.68 -9.61 -12.60
N ARG B 104 -9.15 -10.77 -13.06
CA ARG B 104 -8.82 -11.24 -14.42
C ARG B 104 -9.18 -10.13 -15.43
N ALA B 105 -10.21 -9.37 -15.12
CA ALA B 105 -10.49 -8.29 -16.03
C ALA B 105 -9.54 -7.10 -16.12
N TYR B 106 -9.34 -6.46 -14.99
CA TYR B 106 -8.52 -5.28 -15.00
C TYR B 106 -7.14 -5.65 -15.50
N LEU B 107 -6.72 -6.86 -15.16
CA LEU B 107 -5.40 -7.29 -15.55
C LEU B 107 -5.34 -7.22 -17.07
N SER B 108 -6.30 -7.88 -17.68
CA SER B 108 -6.33 -7.85 -19.12
C SER B 108 -6.56 -6.46 -19.72
N MET B 109 -7.43 -5.67 -19.10
CA MET B 109 -7.66 -4.39 -19.68
C MET B 109 -6.34 -3.64 -19.69
N MET B 110 -5.59 -3.93 -18.66
CA MET B 110 -4.35 -3.28 -18.48
C MET B 110 -3.33 -3.64 -19.51
N ALA B 111 -3.25 -4.94 -19.76
CA ALA B 111 -2.28 -5.44 -20.74
C ALA B 111 -2.60 -4.81 -22.14
N GLN B 112 -3.88 -4.88 -22.47
CA GLN B 112 -4.36 -4.30 -23.68
C GLN B 112 -4.03 -2.85 -23.73
N LYS B 113 -4.23 -2.13 -22.64
CA LYS B 113 -3.84 -0.74 -22.79
C LYS B 113 -2.28 -0.70 -22.80
N ARG B 114 -1.60 -1.84 -22.60
CA ARG B 114 -0.15 -1.82 -22.67
C ARG B 114 0.57 -0.91 -21.69
N VAL B 115 0.31 -1.14 -20.44
CA VAL B 115 0.99 -0.37 -19.42
C VAL B 115 2.48 -0.76 -19.42
N ASP B 116 3.36 0.20 -19.14
CA ASP B 116 4.80 -0.08 -19.15
C ASP B 116 5.26 -1.02 -18.04
N GLY B 117 4.43 -1.10 -17.00
CA GLY B 117 4.69 -1.91 -15.82
C GLY B 117 3.43 -1.96 -14.95
N LEU B 118 3.45 -2.89 -14.03
CA LEU B 118 2.33 -3.08 -13.19
C LEU B 118 2.58 -3.15 -11.71
N LEU B 119 1.96 -2.27 -10.92
CA LEU B 119 2.11 -2.33 -9.43
C LEU B 119 0.97 -3.24 -8.87
N VAL B 120 1.30 -4.29 -8.11
CA VAL B 120 0.23 -5.17 -7.57
C VAL B 120 -0.02 -5.14 -6.08
N MET B 121 -1.26 -4.77 -5.68
CA MET B 121 -1.64 -4.75 -4.25
C MET B 121 -2.95 -5.45 -4.05
N CYS B 122 -2.91 -6.76 -4.07
CA CYS B 122 -4.15 -7.52 -3.94
C CYS B 122 -4.61 -8.09 -2.64
N SER B 123 -3.79 -7.93 -1.61
CA SER B 123 -4.20 -8.42 -0.32
C SER B 123 -4.19 -9.88 -0.28
N GLU B 124 -5.12 -10.56 -0.91
CA GLU B 124 -5.00 -12.02 -0.80
C GLU B 124 -4.57 -12.66 -2.09
N TYR B 125 -3.65 -13.60 -2.03
CA TYR B 125 -3.16 -14.29 -3.24
C TYR B 125 -3.32 -15.82 -3.34
N PRO B 126 -4.46 -16.27 -3.77
CA PRO B 126 -4.65 -17.70 -3.91
C PRO B 126 -3.91 -18.18 -5.15
N GLU B 127 -3.83 -19.50 -5.28
CA GLU B 127 -3.13 -20.05 -6.42
C GLU B 127 -3.72 -19.50 -7.71
N PRO B 128 -5.04 -19.54 -7.79
CA PRO B 128 -5.69 -19.03 -8.97
C PRO B 128 -5.19 -17.63 -9.29
N LEU B 129 -4.93 -16.80 -8.29
CA LEU B 129 -4.47 -15.49 -8.68
C LEU B 129 -3.02 -15.48 -8.97
N LEU B 130 -2.27 -16.28 -8.23
CA LEU B 130 -0.85 -16.24 -8.55
C LEU B 130 -0.66 -16.65 -10.02
N ALA B 131 -1.52 -17.58 -10.39
CA ALA B 131 -1.58 -18.14 -11.75
C ALA B 131 -1.85 -17.11 -12.89
N MET B 132 -2.86 -16.26 -12.71
CA MET B 132 -3.14 -15.29 -13.73
C MET B 132 -1.95 -14.32 -13.77
N LEU B 133 -1.46 -14.00 -12.59
CA LEU B 133 -0.39 -13.08 -12.45
C LEU B 133 0.76 -13.54 -13.28
N GLU B 134 1.01 -14.81 -13.23
CA GLU B 134 2.13 -15.24 -14.00
C GLU B 134 1.94 -15.29 -15.47
N GLU B 135 0.73 -15.08 -15.92
CA GLU B 135 0.55 -15.13 -17.36
C GLU B 135 0.94 -13.84 -17.90
N TYR B 136 1.23 -12.94 -17.00
CA TYR B 136 1.61 -11.63 -17.46
C TYR B 136 3.05 -11.31 -17.14
N ARG B 137 3.77 -12.37 -16.76
CA ARG B 137 5.19 -12.19 -16.43
C ARG B 137 5.91 -11.29 -17.48
N HIS B 138 5.40 -11.25 -18.68
CA HIS B 138 6.13 -10.39 -19.55
C HIS B 138 5.90 -8.94 -19.26
N ILE B 139 4.81 -8.57 -18.63
CA ILE B 139 4.72 -7.14 -18.40
C ILE B 139 5.45 -7.00 -17.07
N PRO B 140 6.42 -6.13 -16.97
CA PRO B 140 7.18 -5.96 -15.71
C PRO B 140 6.25 -5.57 -14.55
N MET B 141 6.52 -6.17 -13.39
CA MET B 141 5.70 -5.91 -12.25
C MET B 141 6.19 -6.07 -10.84
N VAL B 142 5.61 -5.30 -9.95
CA VAL B 142 5.99 -5.48 -8.55
C VAL B 142 4.89 -5.70 -7.52
N VAL B 143 5.07 -6.69 -6.66
CA VAL B 143 4.04 -6.86 -5.65
C VAL B 143 4.40 -6.08 -4.36
N MET B 144 3.55 -5.11 -4.01
CA MET B 144 3.81 -4.32 -2.85
C MET B 144 3.31 -4.87 -1.53
N ASP B 145 2.78 -6.09 -1.50
CA ASP B 145 2.25 -6.51 -0.23
C ASP B 145 2.38 -7.90 0.24
N TRP B 146 3.51 -8.53 0.00
CA TRP B 146 3.65 -9.90 0.43
C TRP B 146 4.60 -9.93 1.63
N GLY B 147 4.63 -11.07 2.28
CA GLY B 147 5.56 -11.02 3.41
C GLY B 147 6.95 -11.49 3.15
N GLU B 148 6.94 -12.54 2.35
CA GLU B 148 8.07 -13.26 1.84
C GLU B 148 7.89 -13.13 0.33
N ALA B 149 8.77 -13.73 -0.44
CA ALA B 149 8.58 -13.63 -1.90
C ALA B 149 7.90 -14.86 -2.50
N LYS B 150 6.59 -14.76 -2.64
CA LYS B 150 5.81 -15.83 -3.19
C LYS B 150 6.16 -16.33 -4.61
N ALA B 151 6.76 -15.51 -5.47
CA ALA B 151 7.10 -15.97 -6.83
C ALA B 151 8.38 -15.36 -7.25
N ASP B 152 8.81 -15.96 -8.35
CA ASP B 152 10.05 -15.68 -9.07
C ASP B 152 9.82 -14.75 -10.27
N PHE B 153 8.58 -14.56 -10.66
CA PHE B 153 8.45 -13.66 -11.74
C PHE B 153 8.10 -12.24 -11.36
N THR B 154 8.59 -11.75 -10.23
CA THR B 154 8.25 -10.36 -9.82
C THR B 154 9.10 -9.74 -8.79
N ASP B 155 8.97 -8.43 -8.67
CA ASP B 155 9.71 -7.80 -7.59
C ASP B 155 8.90 -7.76 -6.33
N ALA B 156 9.58 -7.65 -5.21
CA ALA B 156 8.77 -7.62 -3.99
C ALA B 156 9.31 -6.68 -3.00
N VAL B 157 8.42 -5.87 -2.52
CA VAL B 157 8.83 -4.99 -1.49
C VAL B 157 8.14 -5.72 -0.33
N ILE B 158 8.97 -5.92 0.70
CA ILE B 158 8.55 -6.64 1.97
C ILE B 158 8.53 -5.77 3.30
N ASP B 159 7.41 -5.77 4.00
CA ASP B 159 7.23 -4.96 5.22
C ASP B 159 7.68 -5.43 6.56
N ASN B 160 8.13 -6.65 6.76
CA ASN B 160 8.59 -7.02 8.08
C ASN B 160 7.49 -6.87 9.10
N ALA B 161 6.34 -7.29 8.68
CA ALA B 161 5.15 -7.25 9.47
C ALA B 161 5.21 -8.10 10.69
N PHE B 162 6.04 -9.11 10.67
CA PHE B 162 6.15 -10.00 11.80
C PHE B 162 6.89 -9.31 12.87
N GLU B 163 7.97 -8.61 12.52
CA GLU B 163 8.75 -7.90 13.53
C GLU B 163 7.95 -6.67 14.00
N GLY B 164 6.81 -6.42 13.37
CA GLY B 164 5.99 -5.26 13.78
C GLY B 164 5.18 -5.88 14.87
N GLY B 165 4.58 -7.03 14.57
CA GLY B 165 3.76 -7.78 15.50
C GLY B 165 4.51 -7.92 16.82
N TYR B 166 5.75 -8.39 16.76
CA TYR B 166 6.64 -8.64 17.88
C TYR B 166 6.95 -7.42 18.65
N MET B 167 7.20 -6.36 17.94
CA MET B 167 7.45 -5.11 18.67
C MET B 167 6.21 -4.75 19.53
N ALA B 168 5.03 -4.76 18.92
CA ALA B 168 3.81 -4.42 19.61
C ALA B 168 3.63 -5.23 20.90
N GLY B 169 3.70 -6.55 20.77
CA GLY B 169 3.54 -7.36 21.96
C GLY B 169 4.57 -6.96 23.04
N ARG B 170 5.82 -6.91 22.64
CA ARG B 170 6.92 -6.57 23.51
C ARG B 170 6.64 -5.25 24.26
N TYR B 171 5.97 -4.30 23.64
CA TYR B 171 5.72 -3.06 24.36
C TYR B 171 4.75 -3.34 25.51
N LEU B 172 3.64 -3.97 25.14
CA LEU B 172 2.69 -4.28 26.13
C LEU B 172 3.33 -4.98 27.27
N ILE B 173 4.16 -5.96 26.96
CA ILE B 173 4.81 -6.71 28.00
C ILE B 173 5.63 -5.95 28.98
N GLU B 174 6.43 -5.12 28.41
CA GLU B 174 7.31 -4.28 29.14
C GLU B 174 6.55 -3.17 29.82
N ARG B 175 5.23 -3.03 29.60
CA ARG B 175 4.51 -1.94 30.25
C ARG B 175 3.76 -2.51 31.47
N GLY B 176 3.91 -3.81 31.72
CA GLY B 176 3.30 -4.38 32.90
C GLY B 176 2.21 -5.31 32.65
N HIS B 177 1.91 -5.42 31.36
CA HIS B 177 0.85 -6.26 30.84
C HIS B 177 1.17 -7.74 30.66
N ARG B 178 0.22 -8.55 31.10
CA ARG B 178 0.26 -9.99 31.01
C ARG B 178 -1.07 -10.56 30.55
N GLU B 179 -2.16 -9.78 30.62
CA GLU B 179 -3.51 -10.20 30.14
C GLU B 179 -3.89 -9.31 28.95
N ILE B 180 -3.44 -9.82 27.81
CA ILE B 180 -3.58 -9.21 26.48
C ILE B 180 -4.52 -9.87 25.51
N GLY B 181 -5.25 -9.08 24.76
CA GLY B 181 -6.13 -9.71 23.80
C GLY B 181 -5.64 -9.20 22.44
N VAL B 182 -6.22 -9.72 21.38
CA VAL B 182 -5.82 -9.32 20.03
C VAL B 182 -6.94 -9.53 19.01
N ILE B 183 -7.06 -8.52 18.21
CA ILE B 183 -8.03 -8.56 17.12
C ILE B 183 -7.14 -8.45 15.86
N PRO B 184 -6.80 -9.59 15.29
CA PRO B 184 -5.93 -9.52 14.10
C PRO B 184 -6.84 -9.22 12.92
N GLY B 185 -6.18 -8.90 11.82
CA GLY B 185 -6.98 -8.67 10.62
C GLY B 185 -6.97 -10.04 9.92
N PRO B 186 -7.51 -10.13 8.71
CA PRO B 186 -7.61 -11.37 7.89
C PRO B 186 -6.38 -12.23 7.76
N LEU B 187 -6.51 -13.51 8.10
CA LEU B 187 -5.31 -14.36 8.04
C LEU B 187 -4.82 -14.71 6.67
N GLU B 188 -5.57 -14.30 5.68
CA GLU B 188 -5.17 -14.60 4.33
C GLU B 188 -4.32 -13.53 3.75
N ARG B 189 -4.10 -12.49 4.55
CA ARG B 189 -3.33 -11.31 4.23
C ARG B 189 -2.05 -11.31 5.10
N ASN B 190 -0.96 -10.75 4.58
CA ASN B 190 0.31 -10.69 5.33
C ASN B 190 0.16 -9.82 6.62
N THR B 191 -0.38 -8.61 6.41
CA THR B 191 -0.61 -7.62 7.46
C THR B 191 -1.61 -8.24 8.40
N GLY B 192 -2.24 -9.37 8.02
CA GLY B 192 -3.21 -10.01 8.92
C GLY B 192 -2.35 -11.02 9.69
N ALA B 193 -2.13 -12.17 9.11
CA ALA B 193 -1.35 -13.24 9.70
C ALA B 193 -0.02 -12.91 10.26
N GLY B 194 0.73 -12.23 9.43
CA GLY B 194 2.06 -11.93 9.86
C GLY B 194 2.18 -11.03 11.03
N ARG B 195 1.26 -10.10 11.23
CA ARG B 195 1.42 -9.19 12.35
C ARG B 195 1.12 -10.01 13.63
N LEU B 196 0.14 -10.85 13.51
CA LEU B 196 -0.30 -11.71 14.57
C LEU B 196 0.72 -12.61 15.11
N ALA B 197 1.40 -13.19 14.16
CA ALA B 197 2.40 -14.15 14.53
C ALA B 197 3.59 -13.45 15.19
N GLY B 198 3.91 -12.25 14.75
CA GLY B 198 5.03 -11.49 15.31
C GLY B 198 4.65 -11.23 16.77
N PHE B 199 3.36 -11.01 16.98
CA PHE B 199 2.77 -10.78 18.30
C PHE B 199 2.75 -12.09 19.05
N MET B 200 2.39 -13.12 18.35
CA MET B 200 2.33 -14.32 19.10
C MET B 200 3.66 -14.85 19.64
N LYS B 201 4.80 -14.54 19.00
CA LYS B 201 6.09 -15.06 19.47
C LYS B 201 6.51 -14.40 20.77
N ALA B 202 6.38 -13.09 20.77
CA ALA B 202 6.68 -12.32 21.96
C ALA B 202 5.88 -12.92 23.16
N MET B 203 4.62 -13.32 22.93
CA MET B 203 3.78 -13.90 23.94
C MET B 203 4.43 -15.17 24.48
N GLU B 204 4.68 -16.13 23.60
CA GLU B 204 5.30 -17.41 24.01
C GLU B 204 6.59 -17.15 24.75
N GLU B 205 7.31 -16.21 24.20
CA GLU B 205 8.61 -15.82 24.74
C GLU B 205 8.47 -15.44 26.20
N ALA B 206 7.33 -14.87 26.52
CA ALA B 206 7.07 -14.42 27.88
C ALA B 206 6.18 -15.36 28.58
N MET B 207 5.90 -16.48 27.95
CA MET B 207 5.03 -17.39 28.60
C MET B 207 3.66 -16.83 28.87
N ILE B 208 3.21 -15.92 28.03
CA ILE B 208 1.89 -15.38 28.18
C ILE B 208 1.19 -16.26 27.16
N LYS B 209 -0.03 -16.59 27.50
CA LYS B 209 -0.88 -17.47 26.74
C LYS B 209 -2.11 -16.71 26.38
N VAL B 210 -2.49 -16.81 25.13
CA VAL B 210 -3.69 -16.11 24.82
C VAL B 210 -4.96 -16.88 24.70
N PRO B 211 -5.75 -16.84 25.75
CA PRO B 211 -7.07 -17.48 25.87
C PRO B 211 -7.81 -17.18 24.55
N GLU B 212 -8.23 -18.24 23.88
CA GLU B 212 -8.88 -18.05 22.58
C GLU B 212 -10.05 -17.18 22.54
N SER B 213 -10.63 -17.01 23.71
CA SER B 213 -11.78 -16.16 23.77
C SER B 213 -11.30 -14.73 23.76
N TRP B 214 -10.01 -14.54 23.62
CA TRP B 214 -9.50 -13.17 23.64
C TRP B 214 -8.91 -12.75 22.30
N ILE B 215 -9.12 -13.61 21.31
CA ILE B 215 -8.63 -13.28 20.00
C ILE B 215 -9.79 -13.29 19.02
N VAL B 216 -10.06 -12.15 18.43
CA VAL B 216 -11.22 -12.04 17.57
C VAL B 216 -10.86 -11.35 16.28
N GLN B 217 -11.07 -12.14 15.23
CA GLN B 217 -10.74 -11.72 13.86
C GLN B 217 -11.42 -10.41 13.51
N GLY B 218 -10.75 -9.60 12.70
CA GLY B 218 -11.27 -8.35 12.20
C GLY B 218 -11.08 -8.39 10.66
N ASP B 219 -11.48 -7.33 9.99
CA ASP B 219 -11.35 -7.30 8.56
C ASP B 219 -10.83 -5.96 8.15
N PHE B 220 -10.13 -5.31 9.06
CA PHE B 220 -9.58 -3.96 8.87
C PHE B 220 -10.56 -2.81 8.89
N GLU B 221 -11.84 -3.08 8.88
CA GLU B 221 -12.84 -2.01 8.93
C GLU B 221 -13.32 -1.75 10.37
N PRO B 222 -13.46 -0.47 10.63
CA PRO B 222 -13.87 0.03 11.94
C PRO B 222 -15.01 -0.74 12.48
N GLU B 223 -15.89 -1.21 11.61
CA GLU B 223 -16.94 -1.95 12.26
C GLU B 223 -16.43 -3.24 12.89
N SER B 224 -15.46 -3.87 12.23
CA SER B 224 -14.98 -5.13 12.76
C SER B 224 -14.31 -4.94 14.12
N GLY B 225 -13.70 -3.81 14.31
CA GLY B 225 -13.03 -3.49 15.57
C GLY B 225 -14.09 -3.32 16.65
N TYR B 226 -15.12 -2.62 16.25
CA TYR B 226 -16.23 -2.36 17.11
C TYR B 226 -16.72 -3.66 17.75
N ARG B 227 -17.20 -4.57 16.92
CA ARG B 227 -17.75 -5.88 17.40
C ARG B 227 -16.74 -6.69 18.28
N ALA B 228 -15.48 -6.64 17.89
CA ALA B 228 -14.37 -7.42 18.55
C ALA B 228 -13.90 -6.93 20.01
N MET B 229 -13.57 -5.66 20.16
CA MET B 229 -13.68 -5.00 21.41
C MET B 229 -14.79 -5.41 22.33
N GLN B 230 -15.98 -5.20 21.82
CA GLN B 230 -17.19 -5.54 22.55
C GLN B 230 -17.13 -6.94 23.03
N GLN B 231 -17.08 -7.86 22.09
CA GLN B 231 -16.98 -9.23 22.49
C GLN B 231 -15.85 -9.43 23.51
N ILE B 232 -14.72 -8.76 23.34
CA ILE B 232 -13.70 -8.97 24.38
C ILE B 232 -14.10 -8.48 25.80
N LEU B 233 -14.31 -7.18 25.95
CA LEU B 233 -14.75 -6.59 27.20
C LEU B 233 -16.12 -7.09 27.63
N SER B 234 -16.84 -7.79 26.77
CA SER B 234 -18.16 -8.23 27.19
C SER B 234 -18.09 -9.57 27.86
N GLN B 235 -17.11 -9.78 28.72
CA GLN B 235 -17.00 -11.10 29.33
C GLN B 235 -16.36 -11.12 30.74
N PRO B 236 -16.78 -12.10 31.56
CA PRO B 236 -16.39 -12.27 32.96
C PRO B 236 -15.01 -11.79 33.21
N HIS B 237 -14.07 -12.45 32.55
CA HIS B 237 -12.66 -12.15 32.62
C HIS B 237 -12.17 -11.37 31.40
N ARG B 238 -11.64 -10.16 31.57
CA ARG B 238 -11.13 -9.47 30.42
C ARG B 238 -9.68 -9.05 30.58
N PRO B 239 -8.98 -8.92 29.45
CA PRO B 239 -7.57 -8.57 29.50
C PRO B 239 -7.50 -7.10 29.85
N THR B 240 -6.26 -6.65 30.05
CA THR B 240 -6.07 -5.26 30.38
C THR B 240 -5.48 -4.58 29.26
N ALA B 241 -5.19 -5.34 28.23
CA ALA B 241 -4.61 -4.62 27.17
C ALA B 241 -4.89 -5.34 25.93
N VAL B 242 -4.98 -4.53 24.88
CA VAL B 242 -5.24 -5.07 23.56
C VAL B 242 -4.47 -4.59 22.41
N PHE B 243 -4.09 -5.62 21.66
CA PHE B 243 -3.36 -5.41 20.45
C PHE B 243 -4.32 -5.56 19.29
N CYS B 244 -4.50 -4.43 18.61
CA CYS B 244 -5.42 -4.32 17.45
C CYS B 244 -4.62 -4.11 16.12
N GLY B 245 -4.77 -5.13 15.25
CA GLY B 245 -4.18 -5.34 13.92
C GLY B 245 -4.09 -4.21 12.90
N GLY B 246 -4.92 -3.18 13.05
CA GLY B 246 -4.92 -2.02 12.18
C GLY B 246 -5.49 -0.77 12.86
N ASP B 247 -4.96 0.39 12.54
CA ASP B 247 -5.48 1.58 13.15
C ASP B 247 -7.01 1.86 13.00
N ILE B 248 -7.53 1.64 11.80
CA ILE B 248 -8.93 1.93 11.65
C ILE B 248 -9.84 1.05 12.46
N MET B 249 -9.44 -0.18 12.59
CA MET B 249 -10.26 -1.03 13.40
C MET B 249 -10.03 -0.52 14.87
N ALA B 250 -8.85 0.02 15.14
CA ALA B 250 -8.59 0.37 16.51
C ALA B 250 -9.53 1.42 16.84
N MET B 251 -9.67 2.25 15.84
CA MET B 251 -10.53 3.35 16.00
C MET B 251 -11.88 2.74 16.32
N GLY B 252 -12.28 1.69 15.70
CA GLY B 252 -13.61 1.23 16.12
C GLY B 252 -13.55 0.62 17.50
N ALA B 253 -12.47 -0.04 17.88
CA ALA B 253 -12.33 -0.66 19.16
C ALA B 253 -12.47 0.43 20.22
N LEU B 254 -11.88 1.57 19.91
CA LEU B 254 -11.94 2.68 20.84
C LEU B 254 -13.35 3.16 21.12
N CYS B 255 -14.18 3.29 20.08
CA CYS B 255 -15.57 3.76 20.18
C CYS B 255 -16.46 2.90 21.13
N ALA B 256 -16.38 1.59 20.97
CA ALA B 256 -17.09 0.63 21.80
C ALA B 256 -16.69 0.69 23.28
N ALA B 257 -15.39 0.78 23.53
CA ALA B 257 -14.88 0.85 24.90
C ALA B 257 -15.66 1.99 25.53
N ASP B 258 -15.59 3.12 24.84
CA ASP B 258 -16.28 4.30 25.27
C ASP B 258 -17.74 4.04 25.41
N GLU B 259 -18.32 3.34 24.45
CA GLU B 259 -19.75 3.09 24.57
C GLU B 259 -20.17 2.26 25.78
N MET B 260 -19.29 1.34 26.17
CA MET B 260 -19.52 0.50 27.33
C MET B 260 -18.98 1.32 28.49
N GLY B 261 -18.72 2.58 28.32
CA GLY B 261 -18.25 3.35 29.45
C GLY B 261 -16.96 2.91 30.08
N LEU B 262 -16.06 2.30 29.32
CA LEU B 262 -14.74 1.85 29.79
C LEU B 262 -13.80 2.92 29.31
N ARG B 263 -12.79 3.24 30.10
CA ARG B 263 -11.84 4.27 29.77
C ARG B 263 -10.54 3.80 29.17
N VAL B 264 -10.09 4.52 28.16
CA VAL B 264 -8.83 4.11 27.58
C VAL B 264 -7.93 5.32 27.71
N PRO B 265 -6.71 5.11 28.19
CA PRO B 265 -6.18 3.79 28.56
C PRO B 265 -6.53 3.35 29.97
N GLN B 266 -7.10 4.26 30.75
CA GLN B 266 -7.43 3.89 32.11
C GLN B 266 -8.06 2.60 32.41
N ASP B 267 -9.00 2.13 31.60
CA ASP B 267 -9.57 0.82 31.91
C ASP B 267 -8.97 -0.28 31.05
N VAL B 268 -8.66 0.05 29.78
CA VAL B 268 -8.05 -0.89 28.81
C VAL B 268 -7.08 -0.12 28.02
N SER B 269 -5.93 -0.75 27.78
CA SER B 269 -4.88 -0.11 27.03
C SER B 269 -5.07 -0.63 25.60
N LEU B 270 -4.72 0.22 24.66
CA LEU B 270 -4.89 -0.26 23.34
C LEU B 270 -3.76 0.13 22.44
N ILE B 271 -3.26 -0.82 21.67
CA ILE B 271 -2.19 -0.48 20.75
C ILE B 271 -2.59 -0.96 19.35
N GLY B 272 -2.39 -0.06 18.39
CA GLY B 272 -2.76 -0.40 17.01
C GLY B 272 -1.64 -0.75 16.06
N TYR B 273 -1.87 -0.39 14.82
CA TYR B 273 -0.88 -0.70 13.80
C TYR B 273 -1.21 -0.08 12.50
N ASP B 274 -0.21 0.64 11.98
CA ASP B 274 -0.19 1.32 10.67
C ASP B 274 0.28 2.72 10.75
N ASN B 275 -0.14 3.34 11.82
CA ASN B 275 0.21 4.71 11.99
C ASN B 275 -0.38 5.49 10.88
N VAL B 276 -1.66 5.36 10.67
CA VAL B 276 -2.37 6.15 9.63
C VAL B 276 -2.27 7.64 9.90
N ARG B 277 -2.28 8.38 8.82
CA ARG B 277 -2.20 9.83 8.88
C ARG B 277 -2.95 10.50 10.00
N ASN B 278 -3.95 9.87 10.53
CA ASN B 278 -4.54 10.67 11.53
C ASN B 278 -4.99 10.04 12.81
N ALA B 279 -4.18 9.03 13.11
CA ALA B 279 -4.30 8.24 14.32
C ALA B 279 -3.92 9.19 15.49
N ARG B 280 -3.11 10.20 15.24
CA ARG B 280 -2.78 11.09 16.35
C ARG B 280 -3.99 11.86 16.81
N TYR B 281 -5.03 11.85 16.01
CA TYR B 281 -6.18 12.57 16.42
C TYR B 281 -7.24 11.63 16.83
N PHE B 282 -6.85 10.39 17.06
CA PHE B 282 -7.82 9.48 17.59
C PHE B 282 -7.93 10.04 19.07
N THR B 283 -8.89 9.58 19.85
CA THR B 283 -9.10 10.07 21.21
C THR B 283 -9.19 8.80 21.98
N PRO B 284 -8.15 8.47 22.68
CA PRO B 284 -6.97 9.30 22.81
C PRO B 284 -6.01 9.12 21.66
N ALA B 285 -4.95 9.94 21.63
CA ALA B 285 -3.98 9.84 20.56
C ALA B 285 -3.44 8.44 20.63
N LEU B 286 -3.63 7.73 19.54
CA LEU B 286 -3.23 6.35 19.42
C LEU B 286 -1.81 5.92 19.37
N THR B 287 -1.45 5.03 20.27
CA THR B 287 -0.11 4.52 20.28
C THR B 287 -0.09 3.38 19.25
N THR B 288 0.83 3.45 18.28
CA THR B 288 0.82 2.36 17.30
C THR B 288 2.12 2.09 16.63
N ILE B 289 2.11 1.02 15.84
CA ILE B 289 3.28 0.66 15.07
C ILE B 289 3.19 1.37 13.72
N HIS B 290 4.25 2.10 13.38
CA HIS B 290 4.14 2.78 12.09
C HIS B 290 4.73 2.05 10.92
N GLN B 291 3.95 2.06 9.85
CA GLN B 291 4.33 1.46 8.59
C GLN B 291 4.75 2.55 7.68
N PRO B 292 5.95 2.43 7.16
CA PRO B 292 6.48 3.42 6.26
C PRO B 292 5.61 3.31 5.05
N LYS B 293 4.61 4.18 4.95
CA LYS B 293 3.77 4.07 3.79
C LYS B 293 4.34 4.59 2.42
N ASP B 294 4.76 5.83 2.52
CA ASP B 294 5.41 6.60 1.44
C ASP B 294 6.71 5.91 0.82
N SER B 295 7.47 5.22 1.66
CA SER B 295 8.69 4.59 1.19
C SER B 295 8.25 3.30 0.67
N LEU B 296 7.10 2.81 1.13
CA LEU B 296 6.71 1.52 0.62
C LEU B 296 6.35 1.84 -0.84
N GLY B 297 5.71 2.98 -1.02
CA GLY B 297 5.32 3.37 -2.37
C GLY B 297 6.47 3.77 -3.31
N GLU B 298 7.30 4.67 -2.80
CA GLU B 298 8.40 5.12 -3.61
C GLU B 298 9.30 3.95 -3.80
N THR B 299 9.37 3.08 -2.85
CA THR B 299 10.28 2.01 -3.12
C THR B 299 9.78 1.11 -4.18
N ALA B 300 8.47 0.96 -4.27
CA ALA B 300 7.88 0.08 -5.28
C ALA B 300 8.09 0.69 -6.67
N PHE B 301 7.70 1.96 -6.81
CA PHE B 301 7.84 2.63 -8.11
C PHE B 301 9.24 2.47 -8.63
N ASN B 302 10.17 2.57 -7.72
CA ASN B 302 11.53 2.43 -8.15
C ASN B 302 12.00 1.09 -8.66
N MET B 303 11.69 0.00 -7.99
CA MET B 303 12.17 -1.26 -8.52
C MET B 303 11.53 -1.37 -9.93
N LEU B 304 10.28 -0.94 -10.07
CA LEU B 304 9.64 -1.04 -11.36
C LEU B 304 10.30 -0.25 -12.44
N LEU B 305 10.63 0.98 -12.16
CA LEU B 305 11.23 1.79 -13.18
C LEU B 305 12.45 1.15 -13.73
N ASP B 306 13.20 0.69 -12.76
CA ASP B 306 14.45 0.02 -13.00
C ASP B 306 14.19 -1.04 -14.02
N ARG B 307 13.40 -2.00 -13.61
CA ARG B 307 13.06 -3.12 -14.48
C ARG B 307 12.65 -2.57 -15.83
N ILE B 308 11.88 -1.51 -15.78
CA ILE B 308 11.46 -0.97 -17.01
C ILE B 308 12.61 -0.36 -17.70
N VAL B 309 13.10 0.75 -17.16
CA VAL B 309 14.22 1.32 -17.88
C VAL B 309 15.47 0.48 -18.06
N ASN B 310 16.17 0.13 -17.00
CA ASN B 310 17.36 -0.71 -17.17
C ASN B 310 17.03 -2.16 -17.53
N LYS B 311 15.89 -2.36 -18.16
CA LYS B 311 15.51 -3.71 -18.59
C LYS B 311 15.83 -4.94 -17.77
N ARG B 312 15.68 -4.88 -16.45
CA ARG B 312 15.98 -6.03 -15.63
C ARG B 312 15.14 -7.31 -15.74
N GLU B 313 15.78 -8.44 -15.53
CA GLU B 313 15.11 -9.69 -15.71
C GLU B 313 15.02 -10.48 -14.41
N GLU B 314 15.97 -10.17 -13.55
CA GLU B 314 15.97 -10.88 -12.30
C GLU B 314 15.12 -10.19 -11.27
N PRO B 315 14.40 -11.03 -10.57
CA PRO B 315 13.53 -10.64 -9.51
C PRO B 315 14.32 -9.97 -8.40
N GLN B 316 13.61 -9.23 -7.60
CA GLN B 316 14.32 -8.59 -6.56
C GLN B 316 13.34 -8.31 -5.46
N SER B 317 13.89 -8.07 -4.28
CA SER B 317 13.06 -7.80 -3.08
C SER B 317 13.64 -6.78 -2.09
N ILE B 318 12.84 -5.82 -1.66
CA ILE B 318 13.46 -4.93 -0.74
C ILE B 318 12.63 -4.91 0.48
N GLU B 319 13.29 -4.94 1.62
CA GLU B 319 12.62 -4.89 2.93
C GLU B 319 12.48 -3.43 3.33
N VAL B 320 11.44 -3.24 4.10
CA VAL B 320 11.17 -1.94 4.61
C VAL B 320 10.98 -2.21 6.14
N HIS B 321 11.10 -1.17 7.00
CA HIS B 321 10.92 -1.41 8.43
C HIS B 321 9.96 -0.67 9.34
N PRO B 322 9.05 -1.44 9.90
CA PRO B 322 8.04 -0.86 10.82
C PRO B 322 8.71 -0.33 12.08
N ARG B 323 8.08 0.60 12.80
CA ARG B 323 8.63 1.12 14.05
C ARG B 323 7.51 1.71 14.99
N LEU B 324 7.75 1.58 16.30
CA LEU B 324 6.79 1.99 17.35
C LEU B 324 6.67 3.46 17.48
N ILE B 325 5.44 3.94 17.68
CA ILE B 325 5.21 5.35 17.87
C ILE B 325 4.43 5.33 19.17
N GLU B 326 4.94 5.97 20.22
CA GLU B 326 4.22 6.00 21.50
C GLU B 326 3.35 7.24 21.54
N ARG B 327 2.05 7.12 21.81
CA ARG B 327 1.12 8.25 21.89
C ARG B 327 0.36 8.09 23.28
N ARG B 328 -0.94 8.20 23.31
CA ARG B 328 -1.51 8.07 24.61
C ARG B 328 -2.49 6.99 24.92
N SER B 329 -2.55 5.91 24.19
CA SER B 329 -3.55 4.91 24.50
C SER B 329 -3.11 3.72 25.36
N VAL B 330 -1.89 3.83 25.87
CA VAL B 330 -1.37 2.72 26.69
C VAL B 330 -0.84 3.21 28.01
N ALA B 331 -1.10 2.40 29.04
CA ALA B 331 -0.65 2.72 30.35
C ALA B 331 0.01 1.52 30.97
N ASP B 332 0.77 1.81 32.01
CA ASP B 332 1.42 0.70 32.66
C ASP B 332 0.44 -0.32 33.15
N GLY B 333 0.80 -1.58 33.06
CA GLY B 333 0.03 -2.74 33.51
C GLY B 333 0.58 -3.16 34.92
N PRO B 334 -0.17 -4.04 35.54
CA PRO B 334 0.06 -4.63 36.84
C PRO B 334 1.52 -5.09 37.24
N PHE B 335 2.22 -5.57 36.24
CA PHE B 335 3.55 -6.04 36.45
C PHE B 335 4.70 -5.08 36.14
N ARG B 336 4.40 -3.83 35.75
CA ARG B 336 5.44 -2.87 35.45
C ARG B 336 6.59 -2.84 36.42
N ASP B 337 6.22 -2.58 37.66
CA ASP B 337 7.13 -2.46 38.77
C ASP B 337 7.89 -3.63 39.16
N TYR B 338 7.32 -4.79 38.83
CA TYR B 338 7.94 -6.03 39.16
C TYR B 338 8.82 -6.55 38.06
N ARG B 339 9.98 -5.95 37.57
CA ARG B 339 10.80 -6.49 36.49
C ARG B 339 12.25 -6.07 36.54
N1 HPA C . -6.62 -3.12 4.57
C2 HPA C . -6.68 -1.92 5.22
N3 HPA C . -5.75 -1.47 6.04
C4 HPA C . -4.72 -2.35 6.18
C5 HPA C . -4.58 -3.57 5.58
C6 HPA C . -5.58 -4.03 4.68
O6 HPA C . -5.67 -5.09 4.03
N7 HPA C . -3.38 -4.15 5.97
C8 HPA C . -2.84 -3.30 6.81
N9 HPA C . -3.61 -2.16 6.96
#